data_6Y81
#
_entry.id   6Y81
#
_cell.length_a   80.818
_cell.length_b   102.350
_cell.length_c   104.261
_cell.angle_alpha   90.000
_cell.angle_beta   90.000
_cell.angle_gamma   90.000
#
_symmetry.space_group_name_H-M   'I 2 2 2'
#
loop_
_entity.id
_entity.type
_entity.pdbx_description
1 polymer 'Mitogen-activated protein kinase 14'
2 non-polymer 4-(4-FLUOROPHENYL)-1-(4-PIPERIDINYL)-5-(2-AMINO-4-PYRIMIDINYL)-IMIDAZOLE
3 non-polymer 'CALCIUM ION'
4 non-polymer 'CHLORIDE ION'
5 non-polymer 'DIMETHYL SULFOXIDE'
6 non-polymer 1,2-ETHANEDIOL
7 non-polymer (3~{R})-~{N}-[(2-azanyl-2-adamantyl)methyl]-3-[[6-[2,5-bis(oxidanylidene)pyrrolidin-1-yl]pyridin-3-yl]sulfonylamino]-3-phenyl-propanamide
8 water water
#
_entity_poly.entity_id   1
_entity_poly.type   'polypeptide(L)'
_entity_poly.pdbx_seq_one_letter_code
;MSQERPTFYRQELNKTIWEVPERYQNLSPVGSGAYGSVCAAFDTKTGHRVAVKKLSRPFQSIIHAKRTYRELRLLKHMKH
ENVIGLLDVFTPARSLEEFNDVYLVTHLMGADLNNIVKCQKLTDDHVQFLIYQILRGLKYIHSADIIHRDLKPSNLAVNE
DSELKILDFGLARHTDDEMTGYVATRWYRAPEIMLNWMHYNQTVDIWSVGCIMAELLTGRTLFPGTDHIDQLKLILRLVG
TPGAELLKKISSESARNYIQSLAQMPKMNFANVFIGANPLAVDLLEKMLVLDSDKRITAAQALAHAYFAQYHDPDDEPVA
DPYDQSFESRDLLIDEWKSLTYDEVISFVPPPLDQEEMES
;
_entity_poly.pdbx_strand_id   A
#
loop_
_chem_comp.id
_chem_comp.type
_chem_comp.name
_chem_comp.formula
CA non-polymer 'CALCIUM ION' 'Ca 2'
CL non-polymer 'CHLORIDE ION' 'Cl -1'
DMS non-polymer 'DIMETHYL SULFOXIDE' 'C2 H6 O S'
EDO non-polymer 1,2-ETHANEDIOL 'C2 H6 O2'
OG5 non-polymer (3~{R})-~{N}-[(2-azanyl-2-adamantyl)methyl]-3-[[6-[2,5-bis(oxidanylidene)pyrrolidin-1-yl]pyridin-3-yl]sulfonylamino]-3-phenyl-propanamide 'C29 H35 N5 O5 S'
SB4 non-polymer 4-(4-FLUOROPHENYL)-1-(4-PIPERIDINYL)-5-(2-AMINO-4-PYRIMIDINYL)-IMIDAZOLE 'C18 H19 F N6'
#
# COMPACT_ATOMS: atom_id res chain seq x y z
N PRO A 6 -32.43 -1.29 4.58
CA PRO A 6 -32.39 -0.79 3.20
C PRO A 6 -32.97 -1.78 2.21
N THR A 7 -33.54 -1.26 1.13
CA THR A 7 -33.86 -2.08 -0.03
C THR A 7 -32.58 -2.34 -0.81
N PHE A 8 -32.33 -3.61 -1.13
CA PHE A 8 -31.21 -3.98 -1.97
C PHE A 8 -31.68 -4.24 -3.39
N TYR A 9 -30.76 -4.12 -4.34
CA TYR A 9 -31.01 -4.54 -5.72
C TYR A 9 -29.83 -5.37 -6.20
N ARG A 10 -30.06 -6.11 -7.27
CA ARG A 10 -29.05 -7.00 -7.82
C ARG A 10 -28.60 -6.50 -9.17
N GLN A 11 -27.30 -6.64 -9.44
CA GLN A 11 -26.75 -6.26 -10.73
C GLN A 11 -25.55 -7.15 -11.06
N GLU A 12 -25.48 -7.62 -12.32
CA GLU A 12 -24.35 -8.43 -12.72
C GLU A 12 -23.17 -7.52 -13.09
N LEU A 13 -22.07 -7.70 -12.38
CA LEU A 13 -20.85 -6.92 -12.57
C LEU A 13 -19.68 -7.88 -12.51
N ASN A 14 -18.79 -7.78 -13.48
CA ASN A 14 -17.64 -8.71 -13.58
C ASN A 14 -18.11 -10.16 -13.58
N LYS A 15 -19.21 -10.43 -14.29
CA LYS A 15 -19.75 -11.78 -14.48
C LYS A 15 -20.27 -12.41 -13.18
N THR A 16 -20.55 -11.62 -12.15
CA THR A 16 -21.15 -12.15 -10.93
C THR A 16 -22.20 -11.18 -10.40
N ILE A 17 -23.09 -11.68 -9.55
CA ILE A 17 -24.19 -10.87 -9.04
C ILE A 17 -23.69 -10.08 -7.84
N TRP A 18 -23.85 -8.76 -7.90
CA TRP A 18 -23.68 -7.87 -6.76
C TRP A 18 -25.05 -7.56 -6.18
N GLU A 19 -25.14 -7.50 -4.85
CA GLU A 19 -26.38 -7.18 -4.16
C GLU A 19 -26.08 -6.00 -3.24
N VAL A 20 -26.58 -4.82 -3.60
CA VAL A 20 -26.17 -3.60 -2.90
C VAL A 20 -27.37 -2.75 -2.52
N PRO A 21 -27.24 -1.97 -1.46
CA PRO A 21 -28.35 -1.08 -1.06
C PRO A 21 -28.64 -0.04 -2.13
N GLU A 22 -29.92 0.32 -2.22
CA GLU A 22 -30.36 1.37 -3.15
C GLU A 22 -29.59 2.66 -2.98
N ARG A 23 -29.03 2.89 -1.79
CA ARG A 23 -28.18 4.06 -1.56
C ARG A 23 -27.09 4.21 -2.62
N TYR A 24 -26.51 3.10 -3.10
CA TYR A 24 -25.37 3.15 -4.01
C TYR A 24 -25.85 2.88 -5.43
N GLN A 25 -25.58 3.81 -6.34
CA GLN A 25 -26.13 3.77 -7.68
C GLN A 25 -25.04 3.89 -8.73
N ASN A 26 -25.39 3.48 -9.96
CA ASN A 26 -24.51 3.59 -11.14
C ASN A 26 -23.18 2.89 -10.94
N LEU A 27 -23.22 1.63 -10.50
CA LEU A 27 -22.00 0.88 -10.28
C LEU A 27 -21.31 0.59 -11.61
N SER A 28 -19.98 0.77 -11.63
N SER A 28 -19.98 0.72 -11.61
CA SER A 28 -19.24 0.40 -12.82
CA SER A 28 -19.15 0.54 -12.79
C SER A 28 -17.86 -0.10 -12.43
C SER A 28 -17.84 -0.10 -12.38
N PRO A 29 -17.41 -1.18 -13.05
CA PRO A 29 -16.15 -1.84 -12.62
C PRO A 29 -14.92 -0.97 -12.84
N VAL A 30 -14.02 -0.99 -11.85
CA VAL A 30 -12.76 -0.24 -11.92
C VAL A 30 -11.59 -1.12 -11.48
N GLY A 31 -11.77 -2.43 -11.53
CA GLY A 31 -10.67 -3.37 -11.44
C GLY A 31 -10.71 -4.24 -10.20
N SER A 32 -9.71 -5.10 -10.10
CA SER A 32 -9.62 -6.02 -8.98
C SER A 32 -8.90 -5.36 -7.81
N GLY A 33 -9.22 -5.83 -6.61
CA GLY A 33 -8.46 -5.45 -5.42
C GLY A 33 -7.97 -6.72 -4.76
N ALA A 34 -7.39 -6.60 -3.57
CA ALA A 34 -6.94 -7.77 -2.83
C ALA A 34 -8.15 -8.61 -2.44
N TYR A 35 -8.20 -9.86 -2.92
CA TYR A 35 -9.24 -10.81 -2.53
C TYR A 35 -10.65 -10.35 -2.93
N GLY A 36 -10.76 -9.51 -3.96
CA GLY A 36 -12.06 -8.99 -4.33
C GLY A 36 -11.95 -8.13 -5.58
N SER A 37 -13.09 -7.61 -6.01
CA SER A 37 -13.13 -6.71 -7.16
C SER A 37 -13.92 -5.46 -6.78
N VAL A 38 -13.68 -4.38 -7.52
CA VAL A 38 -14.08 -3.04 -7.11
C VAL A 38 -14.95 -2.37 -8.17
N CYS A 39 -16.02 -1.72 -7.72
CA CYS A 39 -16.83 -0.86 -8.57
C CYS A 39 -16.86 0.57 -8.05
N ALA A 40 -16.83 1.53 -8.97
CA ALA A 40 -17.17 2.90 -8.62
C ALA A 40 -18.69 3.04 -8.51
N ALA A 41 -19.14 3.96 -7.63
CA ALA A 41 -20.56 4.15 -7.43
C ALA A 41 -20.83 5.57 -6.98
N PHE A 42 -22.08 5.97 -7.12
CA PHE A 42 -22.58 7.23 -6.58
C PHE A 42 -23.34 6.97 -5.29
N ASP A 43 -22.92 7.62 -4.20
CA ASP A 43 -23.60 7.52 -2.92
C ASP A 43 -24.71 8.57 -2.86
N THR A 44 -25.97 8.14 -3.00
CA THR A 44 -27.08 9.10 -3.05
C THR A 44 -27.34 9.77 -1.70
N LYS A 45 -26.82 9.23 -0.61
CA LYS A 45 -27.03 9.85 0.70
C LYS A 45 -26.24 11.15 0.82
N THR A 46 -24.99 11.13 0.34
CA THR A 46 -24.08 12.26 0.52
C THR A 46 -23.70 12.95 -0.77
N GLY A 47 -24.12 12.41 -1.91
CA GLY A 47 -23.67 12.94 -3.18
C GLY A 47 -22.20 12.73 -3.48
N HIS A 48 -21.52 11.86 -2.75
CA HIS A 48 -20.11 11.58 -2.96
C HIS A 48 -19.91 10.35 -3.84
N ARG A 49 -18.79 10.33 -4.58
CA ARG A 49 -18.39 9.14 -5.32
C ARG A 49 -17.63 8.19 -4.41
N VAL A 50 -17.95 6.90 -4.51
CA VAL A 50 -17.32 5.91 -3.63
C VAL A 50 -16.82 4.75 -4.47
N ALA A 51 -15.98 3.94 -3.84
CA ALA A 51 -15.55 2.66 -4.41
C ALA A 51 -16.03 1.55 -3.50
N VAL A 52 -16.66 0.55 -4.10
CA VAL A 52 -17.24 -0.58 -3.38
C VAL A 52 -16.48 -1.83 -3.76
N LYS A 53 -15.89 -2.49 -2.77
CA LYS A 53 -15.16 -3.74 -3.00
C LYS A 53 -16.00 -4.91 -2.51
N LYS A 54 -16.33 -5.83 -3.41
N LYS A 54 -16.32 -5.83 -3.41
CA LYS A 54 -17.00 -7.06 -3.04
CA LYS A 54 -16.99 -7.08 -3.07
C LYS A 54 -15.94 -8.14 -2.81
C LYS A 54 -15.93 -8.14 -2.81
N LEU A 55 -15.85 -8.64 -1.58
CA LEU A 55 -14.87 -9.68 -1.30
C LEU A 55 -15.23 -10.96 -2.05
N SER A 56 -14.21 -11.64 -2.57
CA SER A 56 -14.42 -12.84 -3.35
C SER A 56 -14.37 -14.06 -2.41
N ARG A 57 -15.47 -14.79 -2.34
CA ARG A 57 -15.61 -16.01 -1.53
C ARG A 57 -15.01 -15.82 -0.14
N PRO A 58 -15.56 -14.87 0.66
CA PRO A 58 -14.88 -14.49 1.91
C PRO A 58 -14.78 -15.60 2.94
N PHE A 59 -15.66 -16.61 2.93
CA PHE A 59 -15.63 -17.66 3.95
C PHE A 59 -15.52 -19.05 3.33
N GLN A 60 -14.89 -19.12 2.16
CA GLN A 60 -14.74 -20.39 1.44
C GLN A 60 -13.83 -21.36 2.19
N SER A 61 -12.85 -20.83 2.92
N SER A 61 -12.82 -20.85 2.87
CA SER A 61 -11.82 -21.61 3.59
CA SER A 61 -11.89 -21.67 3.64
C SER A 61 -11.38 -20.85 4.82
C SER A 61 -11.39 -20.87 4.81
N ILE A 62 -10.61 -21.54 5.67
CA ILE A 62 -10.05 -20.89 6.85
C ILE A 62 -9.12 -19.75 6.46
N ILE A 63 -8.48 -19.84 5.29
CA ILE A 63 -7.58 -18.79 4.83
C ILE A 63 -8.38 -17.57 4.39
N HIS A 64 -9.45 -17.80 3.63
CA HIS A 64 -10.31 -16.71 3.22
C HIS A 64 -10.99 -16.06 4.42
N ALA A 65 -11.46 -16.88 5.36
CA ALA A 65 -12.25 -16.34 6.47
C ALA A 65 -11.40 -15.46 7.36
N LYS A 66 -10.18 -15.90 7.67
CA LYS A 66 -9.33 -15.08 8.53
C LYS A 66 -8.86 -13.83 7.81
N ARG A 67 -8.56 -13.93 6.52
CA ARG A 67 -8.14 -12.73 5.81
C ARG A 67 -9.29 -11.74 5.65
N THR A 68 -10.53 -12.23 5.57
CA THR A 68 -11.69 -11.34 5.56
C THR A 68 -11.79 -10.56 6.87
N TYR A 69 -11.70 -11.27 7.99
CA TYR A 69 -11.67 -10.63 9.30
C TYR A 69 -10.52 -9.66 9.42
N ARG A 70 -9.32 -10.11 9.01
CA ARG A 70 -8.13 -9.26 9.05
C ARG A 70 -8.35 -7.95 8.31
N GLU A 71 -8.88 -8.04 7.08
CA GLU A 71 -9.03 -6.83 6.27
C GLU A 71 -10.07 -5.89 6.89
N LEU A 72 -11.18 -6.44 7.38
CA LEU A 72 -12.21 -5.58 7.97
C LEU A 72 -11.70 -4.92 9.24
N ARG A 73 -10.98 -5.67 10.08
CA ARG A 73 -10.41 -5.09 11.29
C ARG A 73 -9.43 -3.98 10.96
N LEU A 74 -8.56 -4.24 10.00
CA LEU A 74 -7.58 -3.24 9.60
C LEU A 74 -8.25 -1.98 9.09
N LEU A 75 -9.20 -2.13 8.16
CA LEU A 75 -9.80 -0.95 7.53
C LEU A 75 -10.68 -0.17 8.51
N LYS A 76 -11.30 -0.85 9.48
CA LYS A 76 -12.08 -0.13 10.49
C LYS A 76 -11.19 0.70 11.42
N HIS A 77 -9.92 0.33 11.54
CA HIS A 77 -8.99 1.03 12.41
C HIS A 77 -8.31 2.24 11.75
N MET A 78 -8.22 2.24 10.41
CA MET A 78 -7.44 3.25 9.69
C MET A 78 -8.24 4.54 9.56
N LYS A 79 -7.74 5.63 10.16
CA LYS A 79 -8.37 6.95 10.07
C LYS A 79 -7.25 7.96 9.78
N HIS A 80 -6.88 8.06 8.51
CA HIS A 80 -5.78 8.93 8.08
C HIS A 80 -5.99 9.34 6.64
N GLU A 81 -5.71 10.61 6.31
CA GLU A 81 -6.04 11.11 4.98
C GLU A 81 -5.22 10.47 3.87
N ASN A 82 -4.10 9.79 4.17
CA ASN A 82 -3.31 9.13 3.13
C ASN A 82 -3.35 7.61 3.26
N VAL A 83 -4.39 7.06 3.89
CA VAL A 83 -4.55 5.62 4.07
C VAL A 83 -6.00 5.27 3.77
N ILE A 84 -6.22 4.21 2.99
CA ILE A 84 -7.58 3.77 2.73
C ILE A 84 -8.25 3.41 4.03
N GLY A 85 -9.46 3.92 4.23
CA GLY A 85 -10.29 3.59 5.37
C GLY A 85 -11.73 3.39 4.91
N LEU A 86 -12.66 3.27 5.86
CA LEU A 86 -13.99 2.78 5.54
C LEU A 86 -15.04 3.87 5.74
N LEU A 87 -15.86 4.08 4.72
CA LEU A 87 -17.07 4.88 4.84
C LEU A 87 -18.27 4.04 5.22
N ASP A 88 -18.27 2.77 4.85
CA ASP A 88 -19.40 1.88 5.02
C ASP A 88 -18.92 0.45 4.81
N VAL A 89 -19.67 -0.48 5.42
CA VAL A 89 -19.51 -1.92 5.15
C VAL A 89 -20.90 -2.51 5.24
N PHE A 90 -21.24 -3.38 4.29
CA PHE A 90 -22.59 -3.90 4.27
C PHE A 90 -22.62 -5.34 3.76
N THR A 91 -23.73 -5.99 4.04
CA THR A 91 -23.97 -7.34 3.59
C THR A 91 -25.47 -7.44 3.31
N PRO A 92 -25.88 -8.16 2.26
CA PRO A 92 -27.32 -8.41 2.07
C PRO A 92 -27.89 -9.38 3.10
N ALA A 93 -27.05 -9.99 3.93
CA ALA A 93 -27.53 -10.99 4.88
C ALA A 93 -28.40 -10.36 5.96
N ARG A 94 -29.48 -11.05 6.32
CA ARG A 94 -30.36 -10.58 7.38
C ARG A 94 -29.99 -11.16 8.74
N SER A 95 -29.07 -12.11 8.78
CA SER A 95 -28.67 -12.79 10.01
C SER A 95 -27.34 -13.47 9.75
N LEU A 96 -26.68 -13.91 10.84
CA LEU A 96 -25.42 -14.64 10.71
C LEU A 96 -25.59 -15.90 9.88
N GLU A 97 -26.75 -16.55 9.99
CA GLU A 97 -27.01 -17.81 9.30
C GLU A 97 -27.04 -17.62 7.78
N GLU A 98 -27.38 -16.41 7.33
CA GLU A 98 -27.44 -16.04 5.91
C GLU A 98 -26.14 -15.41 5.41
N PHE A 99 -25.16 -15.19 6.29
CA PHE A 99 -24.06 -14.28 6.01
C PHE A 99 -23.00 -14.97 5.16
N ASN A 100 -22.81 -14.48 3.92
CA ASN A 100 -21.79 -15.05 3.05
C ASN A 100 -21.12 -14.04 2.13
N ASP A 101 -21.45 -12.76 2.21
CA ASP A 101 -20.87 -11.79 1.30
C ASP A 101 -20.62 -10.49 2.06
N VAL A 102 -19.49 -9.85 1.77
CA VAL A 102 -19.03 -8.67 2.48
C VAL A 102 -18.64 -7.61 1.46
N TYR A 103 -19.16 -6.39 1.64
CA TYR A 103 -18.84 -5.27 0.75
C TYR A 103 -18.25 -4.13 1.57
N LEU A 104 -17.13 -3.59 1.11
CA LEU A 104 -16.40 -2.53 1.77
C LEU A 104 -16.46 -1.26 0.93
N VAL A 105 -16.72 -0.11 1.55
CA VAL A 105 -16.93 1.14 0.82
C VAL A 105 -15.89 2.17 1.29
N THR A 106 -15.24 2.85 0.34
CA THR A 106 -14.32 3.95 0.65
C THR A 106 -14.51 5.06 -0.37
N HIS A 107 -13.86 6.19 -0.16
CA HIS A 107 -14.02 7.26 -1.13
C HIS A 107 -13.32 6.90 -2.43
N LEU A 108 -13.92 7.31 -3.55
CA LEU A 108 -13.41 6.91 -4.85
C LEU A 108 -12.12 7.64 -5.20
N MET A 109 -11.11 6.87 -5.59
CA MET A 109 -9.83 7.37 -6.10
C MET A 109 -9.70 6.87 -7.53
N GLY A 110 -9.47 7.78 -8.47
CA GLY A 110 -9.64 7.44 -9.88
C GLY A 110 -8.57 6.57 -10.49
N ALA A 111 -7.36 6.58 -9.94
CA ALA A 111 -6.20 6.04 -10.64
C ALA A 111 -5.27 5.37 -9.63
N ASP A 112 -4.15 4.84 -10.12
CA ASP A 112 -3.02 4.51 -9.27
C ASP A 112 -1.81 5.31 -9.73
N LEU A 113 -0.70 5.14 -9.02
CA LEU A 113 0.43 6.03 -9.26
C LEU A 113 1.00 5.85 -10.66
N ASN A 114 0.83 4.67 -11.25
CA ASN A 114 1.24 4.47 -12.64
C ASN A 114 0.49 5.38 -13.60
N ASN A 115 -0.73 5.78 -13.27
N ASN A 115 -0.73 5.81 -13.24
CA ASN A 115 -1.44 6.71 -14.16
CA ASN A 115 -1.58 6.69 -14.04
C ASN A 115 -0.83 8.10 -14.11
C ASN A 115 -1.60 8.13 -13.55
N ILE A 116 -0.17 8.43 -12.99
N ILE A 116 -0.61 8.56 -12.76
CA ILE A 116 0.35 9.78 -12.81
CA ILE A 116 -0.64 9.90 -12.19
C ILE A 116 1.68 9.97 -13.54
C ILE A 116 -0.77 10.92 -13.31
N VAL A 117 2.57 8.99 -13.46
N VAL A 117 -1.75 11.82 -13.19
CA VAL A 117 3.92 9.14 -13.96
CA VAL A 117 -1.94 12.83 -14.22
C VAL A 117 4.03 8.82 -15.45
C VAL A 117 -0.77 13.81 -14.17
N LYS A 118 3.14 7.98 -15.96
N LYS A 118 -0.29 14.21 -15.36
CA LYS A 118 3.33 7.35 -17.27
CA LYS A 118 0.90 15.03 -15.47
C LYS A 118 3.47 8.37 -18.39
C LYS A 118 0.91 15.68 -16.85
N CYS A 119 2.45 9.19 -18.60
N CYS A 119 1.79 16.66 -17.01
CA CYS A 119 2.44 10.13 -19.72
CA CYS A 119 2.02 17.32 -18.30
C CYS A 119 2.75 11.56 -19.29
C CYS A 119 3.44 17.01 -18.72
N GLN A 120 3.49 11.70 -18.18
N GLN A 120 3.58 16.01 -19.60
CA GLN A 120 3.60 12.98 -17.51
CA GLN A 120 4.86 15.55 -20.14
C GLN A 120 5.04 13.19 -17.06
C GLN A 120 5.73 14.88 -19.09
N LYS A 121 5.66 14.27 -17.54
N LYS A 121 6.20 15.63 -18.08
CA LYS A 121 6.93 14.71 -16.98
CA LYS A 121 7.04 15.07 -17.01
C LYS A 121 6.64 15.47 -15.69
C LYS A 121 6.71 15.74 -15.69
N LEU A 122 6.90 14.84 -14.55
N LEU A 122 6.91 14.98 -14.60
CA LEU A 122 6.60 15.47 -13.28
CA LEU A 122 6.57 15.45 -13.26
C LEU A 122 7.57 16.62 -13.01
C LEU A 122 7.59 16.48 -12.76
N THR A 123 7.09 17.61 -12.26
CA THR A 123 7.98 18.58 -11.63
C THR A 123 8.48 18.04 -10.30
N ASP A 124 9.60 18.58 -9.83
CA ASP A 124 10.13 18.17 -8.53
C ASP A 124 9.17 18.53 -7.39
N ASP A 125 8.46 19.66 -7.50
CA ASP A 125 7.50 20.01 -6.46
C ASP A 125 6.38 18.99 -6.38
N HIS A 126 5.97 18.46 -7.53
CA HIS A 126 4.92 17.45 -7.58
C HIS A 126 5.41 16.11 -7.04
N VAL A 127 6.64 15.72 -7.42
CA VAL A 127 7.22 14.49 -6.86
C VAL A 127 7.30 14.59 -5.34
N GLN A 128 7.72 15.74 -4.82
CA GLN A 128 7.76 15.95 -3.38
C GLN A 128 6.42 15.68 -2.75
N PHE A 129 5.35 16.22 -3.34
CA PHE A 129 4.01 16.04 -2.78
C PHE A 129 3.61 14.57 -2.77
N LEU A 130 3.89 13.86 -3.87
CA LEU A 130 3.51 12.45 -3.94
C LEU A 130 4.26 11.61 -2.91
N ILE A 131 5.57 11.78 -2.83
CA ILE A 131 6.35 10.98 -1.87
C ILE A 131 6.00 11.39 -0.43
N TYR A 132 5.80 12.70 -0.19
CA TYR A 132 5.42 13.16 1.14
C TYR A 132 4.19 12.44 1.64
N GLN A 133 3.19 12.32 0.78
CA GLN A 133 1.94 11.67 1.18
C GLN A 133 2.16 10.20 1.50
N ILE A 134 2.94 9.50 0.69
CA ILE A 134 3.23 8.09 0.99
C ILE A 134 3.86 7.98 2.37
N LEU A 135 4.84 8.85 2.66
CA LEU A 135 5.55 8.75 3.93
C LEU A 135 4.64 9.11 5.11
N ARG A 136 3.75 10.07 4.93
CA ARG A 136 2.81 10.40 5.99
C ARG A 136 1.89 9.21 6.29
N GLY A 137 1.41 8.54 5.24
CA GLY A 137 0.61 7.36 5.45
C GLY A 137 1.40 6.24 6.11
N LEU A 138 2.67 6.09 5.70
CA LEU A 138 3.49 5.04 6.31
C LEU A 138 3.78 5.34 7.78
N LYS A 139 4.05 6.61 8.12
CA LYS A 139 4.26 6.93 9.53
C LYS A 139 3.09 6.47 10.38
N TYR A 140 1.87 6.71 9.89
CA TYR A 140 0.67 6.32 10.59
C TYR A 140 0.56 4.81 10.73
N ILE A 141 0.64 4.07 9.62
CA ILE A 141 0.45 2.61 9.79
C ILE A 141 1.60 1.99 10.57
N HIS A 142 2.84 2.45 10.34
CA HIS A 142 3.96 1.91 11.11
C HIS A 142 3.79 2.15 12.60
N SER A 143 3.18 3.28 12.97
CA SER A 143 2.98 3.60 14.37
C SER A 143 2.03 2.63 15.06
N ALA A 144 1.19 1.92 14.30
CA ALA A 144 0.33 0.89 14.86
C ALA A 144 0.91 -0.52 14.68
N ASP A 145 2.20 -0.63 14.35
CA ASP A 145 2.88 -1.91 14.11
C ASP A 145 2.26 -2.66 12.93
N ILE A 146 1.85 -1.92 11.91
CA ILE A 146 1.37 -2.46 10.64
C ILE A 146 2.39 -2.11 9.57
N ILE A 147 2.84 -3.12 8.83
CA ILE A 147 3.79 -2.93 7.74
C ILE A 147 3.10 -3.31 6.43
N HIS A 148 3.45 -2.62 5.34
CA HIS A 148 2.81 -2.96 4.08
C HIS A 148 3.38 -4.23 3.50
N ARG A 149 4.71 -4.26 3.29
CA ARG A 149 5.53 -5.36 2.79
C ARG A 149 5.48 -5.51 1.27
N ASP A 150 4.56 -4.88 0.56
CA ASP A 150 4.53 -4.98 -0.90
C ASP A 150 4.08 -3.65 -1.49
N LEU A 151 4.67 -2.58 -0.99
CA LEU A 151 4.36 -1.25 -1.48
C LEU A 151 4.89 -1.07 -2.90
N LYS A 152 4.07 -0.51 -3.78
CA LYS A 152 4.42 -0.38 -5.19
C LYS A 152 3.42 0.60 -5.83
N PRO A 153 3.69 1.10 -7.04
CA PRO A 153 2.75 2.09 -7.62
C PRO A 153 1.32 1.60 -7.74
N SER A 154 1.11 0.31 -8.05
CA SER A 154 -0.25 -0.18 -8.20
C SER A 154 -0.99 -0.31 -6.87
N ASN A 155 -0.31 -0.18 -5.73
CA ASN A 155 -0.94 -0.16 -4.41
C ASN A 155 -1.04 1.25 -3.84
N LEU A 156 -0.92 2.27 -4.69
CA LEU A 156 -1.10 3.65 -4.27
C LEU A 156 -2.25 4.23 -5.09
N ALA A 157 -3.38 4.47 -4.43
CA ALA A 157 -4.54 5.06 -5.09
C ALA A 157 -4.40 6.56 -5.13
N VAL A 158 -4.68 7.17 -6.30
CA VAL A 158 -4.49 8.60 -6.50
C VAL A 158 -5.76 9.15 -7.15
N ASN A 159 -6.16 10.35 -6.76
CA ASN A 159 -7.28 10.97 -7.43
C ASN A 159 -6.82 12.05 -8.41
N GLU A 160 -7.79 12.80 -8.94
CA GLU A 160 -7.54 13.75 -10.01
C GLU A 160 -6.71 14.94 -9.58
N ASP A 161 -6.59 15.17 -8.27
CA ASP A 161 -5.77 16.25 -7.73
C ASP A 161 -4.48 15.74 -7.08
N SER A 162 -4.05 14.52 -7.43
CA SER A 162 -2.81 13.91 -6.94
C SER A 162 -2.82 13.64 -5.45
N GLU A 163 -4.00 13.62 -4.82
CA GLU A 163 -4.08 13.15 -3.46
C GLU A 163 -3.98 11.62 -3.49
N LEU A 164 -3.26 11.07 -2.52
CA LEU A 164 -2.83 9.69 -2.58
C LEU A 164 -3.20 8.94 -1.31
N LYS A 165 -3.57 7.67 -1.44
CA LYS A 165 -3.79 6.80 -0.29
C LYS A 165 -3.10 5.45 -0.48
N ILE A 166 -2.52 4.94 0.60
CA ILE A 166 -1.93 3.60 0.59
C ILE A 166 -3.04 2.57 0.73
N LEU A 167 -2.98 1.51 -0.06
CA LEU A 167 -3.94 0.45 0.12
C LEU A 167 -3.24 -0.90 0.08
N ASP A 168 -4.01 -1.90 0.50
CA ASP A 168 -3.59 -3.30 0.50
C ASP A 168 -2.37 -3.51 1.39
N PHE A 169 -2.30 -2.75 2.49
CA PHE A 169 -1.27 -2.91 3.51
C PHE A 169 -1.69 -3.96 4.52
N GLY A 170 -0.71 -4.53 5.22
CA GLY A 170 -0.98 -5.43 6.32
C GLY A 170 -1.67 -6.73 5.97
N LEU A 171 -1.73 -7.09 4.69
CA LEU A 171 -2.32 -8.35 4.27
C LEU A 171 -1.22 -9.27 3.75
N TYR A 182 -1.99 -15.14 -10.79
CA TYR A 182 -1.51 -13.80 -10.52
C TYR A 182 -0.01 -13.79 -10.27
N VAL A 183 0.73 -13.02 -11.08
CA VAL A 183 2.16 -12.82 -10.87
C VAL A 183 2.36 -11.35 -10.55
N ALA A 184 2.92 -11.06 -9.38
CA ALA A 184 3.10 -9.69 -8.93
C ALA A 184 4.49 -9.20 -9.28
N THR A 185 4.58 -7.88 -9.48
N THR A 185 4.60 -7.89 -9.52
CA THR A 185 5.88 -7.23 -9.66
CA THR A 185 5.93 -7.35 -9.75
C THR A 185 6.69 -7.31 -8.39
C THR A 185 6.70 -7.31 -8.44
N ARG A 186 7.98 -7.63 -8.52
CA ARG A 186 8.90 -7.64 -7.40
C ARG A 186 9.83 -6.44 -7.41
N TRP A 187 9.70 -5.56 -8.41
CA TRP A 187 10.70 -4.52 -8.64
C TRP A 187 10.80 -3.52 -7.48
N TYR A 188 9.79 -3.43 -6.63
CA TYR A 188 9.78 -2.44 -5.55
C TYR A 188 9.95 -3.07 -4.18
N ARG A 189 10.09 -4.39 -4.10
CA ARG A 189 10.12 -5.08 -2.82
C ARG A 189 11.48 -4.91 -2.16
N ALA A 190 11.48 -4.78 -0.84
CA ALA A 190 12.72 -4.70 -0.10
C ALA A 190 13.51 -6.00 -0.31
N PRO A 191 14.83 -5.91 -0.46
CA PRO A 191 15.62 -7.14 -0.67
C PRO A 191 15.38 -8.19 0.38
N GLU A 192 15.21 -7.77 1.64
CA GLU A 192 14.99 -8.74 2.71
C GLU A 192 13.65 -9.46 2.59
N ILE A 193 12.67 -8.84 1.91
CA ILE A 193 11.38 -9.48 1.65
C ILE A 193 11.47 -10.37 0.43
N MET A 194 11.99 -9.83 -0.68
CA MET A 194 12.06 -10.59 -1.92
C MET A 194 12.84 -11.88 -1.77
N LEU A 195 13.87 -11.88 -0.92
CA LEU A 195 14.75 -13.04 -0.78
C LEU A 195 14.56 -13.77 0.55
N ASN A 196 13.50 -13.44 1.30
CA ASN A 196 13.12 -14.17 2.51
C ASN A 196 14.28 -14.21 3.52
N TRP A 197 14.86 -13.05 3.79
CA TRP A 197 15.86 -12.99 4.83
C TRP A 197 15.19 -13.05 6.19
N MET A 198 15.99 -13.39 7.21
CA MET A 198 15.43 -13.85 8.47
C MET A 198 14.97 -12.71 9.37
N HIS A 199 15.39 -11.47 9.10
CA HIS A 199 15.05 -10.35 9.95
C HIS A 199 14.72 -9.15 9.08
N TYR A 200 13.63 -8.46 9.43
CA TYR A 200 13.27 -7.22 8.76
C TYR A 200 12.36 -6.40 9.68
N ASN A 201 12.31 -5.10 9.41
CA ASN A 201 11.48 -4.23 10.24
C ASN A 201 10.61 -3.33 9.35
N GLN A 202 10.04 -2.29 9.96
CA GLN A 202 9.11 -1.43 9.23
C GLN A 202 9.77 -0.76 8.03
N THR A 203 11.10 -0.59 8.04
CA THR A 203 11.72 0.11 6.92
C THR A 203 11.77 -0.72 5.64
N VAL A 204 11.25 -1.96 5.59
CA VAL A 204 11.06 -2.59 4.29
C VAL A 204 10.26 -1.66 3.37
N ASP A 205 9.31 -0.93 3.94
CA ASP A 205 8.47 -0.08 3.12
C ASP A 205 9.23 1.14 2.62
N ILE A 206 10.29 1.54 3.33
CA ILE A 206 11.06 2.71 2.94
C ILE A 206 11.91 2.39 1.72
N TRP A 207 12.42 1.15 1.62
CA TRP A 207 13.07 0.72 0.39
C TRP A 207 12.13 0.92 -0.80
N SER A 208 10.88 0.48 -0.66
CA SER A 208 9.91 0.62 -1.73
C SER A 208 9.71 2.08 -2.12
N VAL A 209 9.59 2.96 -1.12
CA VAL A 209 9.47 4.39 -1.39
C VAL A 209 10.66 4.87 -2.23
N GLY A 210 11.87 4.44 -1.85
CA GLY A 210 13.03 4.77 -2.66
C GLY A 210 12.91 4.35 -4.11
N CYS A 211 12.50 3.11 -4.36
CA CYS A 211 12.33 2.68 -5.75
C CYS A 211 11.25 3.47 -6.47
N ILE A 212 10.15 3.78 -5.79
CA ILE A 212 9.10 4.58 -6.41
C ILE A 212 9.61 5.98 -6.72
N MET A 213 10.26 6.61 -5.75
CA MET A 213 10.73 7.98 -5.96
C MET A 213 11.73 8.04 -7.10
N ALA A 214 12.67 7.09 -7.14
CA ALA A 214 13.64 7.05 -8.23
C ALA A 214 12.94 7.01 -9.59
N GLU A 215 11.87 6.22 -9.69
CA GLU A 215 11.16 6.10 -10.96
C GLU A 215 10.41 7.39 -11.30
N LEU A 216 9.87 8.09 -10.30
CA LEU A 216 9.22 9.36 -10.56
C LEU A 216 10.21 10.41 -11.06
N LEU A 217 11.48 10.31 -10.64
CA LEU A 217 12.46 11.32 -11.05
C LEU A 217 13.06 11.03 -12.41
N THR A 218 13.23 9.76 -12.78
CA THR A 218 13.89 9.38 -14.03
C THR A 218 12.94 8.89 -15.11
N GLY A 219 11.71 8.51 -14.76
CA GLY A 219 10.85 7.87 -15.73
C GLY A 219 11.23 6.45 -16.07
N ARG A 220 12.19 5.86 -15.37
CA ARG A 220 12.63 4.49 -15.62
C ARG A 220 12.56 3.70 -14.32
N THR A 221 12.18 2.43 -14.44
CA THR A 221 12.25 1.52 -13.31
C THR A 221 13.68 1.42 -12.80
N LEU A 222 13.84 1.46 -11.48
CA LEU A 222 15.20 1.47 -10.92
C LEU A 222 15.85 0.09 -11.00
N PHE A 223 15.13 -0.97 -10.66
CA PHE A 223 15.69 -2.33 -10.60
C PHE A 223 14.81 -3.28 -11.40
N PRO A 224 14.77 -3.16 -12.73
CA PRO A 224 13.86 -4.02 -13.53
C PRO A 224 14.44 -5.41 -13.82
N GLY A 225 14.63 -6.19 -12.75
CA GLY A 225 15.23 -7.50 -12.92
C GLY A 225 14.27 -8.51 -13.54
N THR A 226 14.82 -9.41 -14.36
CA THR A 226 14.00 -10.45 -14.99
C THR A 226 13.68 -11.59 -14.04
N ASP A 227 14.52 -11.80 -13.03
CA ASP A 227 14.23 -12.76 -11.97
C ASP A 227 14.85 -12.23 -10.69
N HIS A 228 14.69 -12.98 -9.59
CA HIS A 228 15.14 -12.47 -8.31
C HIS A 228 16.66 -12.34 -8.25
N ILE A 229 17.40 -13.22 -8.96
CA ILE A 229 18.86 -13.10 -8.99
C ILE A 229 19.28 -11.90 -9.83
N ASP A 230 18.67 -11.73 -11.00
CA ASP A 230 18.95 -10.57 -11.82
C ASP A 230 18.62 -9.28 -11.09
N GLN A 231 17.54 -9.28 -10.30
CA GLN A 231 17.18 -8.07 -9.56
C GLN A 231 18.20 -7.78 -8.47
N LEU A 232 18.68 -8.81 -7.77
CA LEU A 232 19.68 -8.59 -6.74
C LEU A 232 20.96 -8.02 -7.33
N LYS A 233 21.38 -8.52 -8.50
CA LYS A 233 22.56 -7.97 -9.17
C LYS A 233 22.39 -6.50 -9.53
N LEU A 234 21.20 -6.12 -9.99
CA LEU A 234 20.97 -4.72 -10.31
C LEU A 234 21.04 -3.86 -9.06
N ILE A 235 20.51 -4.37 -7.95
CA ILE A 235 20.54 -3.63 -6.69
C ILE A 235 21.98 -3.45 -6.23
N LEU A 236 22.76 -4.54 -6.24
CA LEU A 236 24.15 -4.46 -5.78
C LEU A 236 24.98 -3.54 -6.66
N ARG A 237 24.64 -3.42 -7.95
CA ARG A 237 25.37 -2.51 -8.83
C ARG A 237 25.20 -1.05 -8.38
N LEU A 238 24.04 -0.71 -7.81
CA LEU A 238 23.82 0.65 -7.32
C LEU A 238 24.39 0.87 -5.91
N VAL A 239 24.09 -0.04 -4.98
CA VAL A 239 24.39 0.20 -3.57
C VAL A 239 25.71 -0.43 -3.13
N GLY A 240 26.32 -1.26 -3.96
CA GLY A 240 27.58 -1.87 -3.62
C GLY A 240 27.42 -3.21 -2.91
N THR A 241 28.49 -3.99 -2.94
CA THR A 241 28.53 -5.29 -2.28
C THR A 241 28.29 -5.15 -0.78
N PRO A 242 27.49 -6.01 -0.18
CA PRO A 242 27.28 -5.93 1.26
C PRO A 242 28.48 -6.50 2.01
N GLY A 243 28.58 -6.10 3.27
CA GLY A 243 29.57 -6.69 4.14
C GLY A 243 29.13 -8.03 4.68
N ALA A 244 30.05 -8.67 5.38
CA ALA A 244 29.75 -9.97 5.97
C ALA A 244 28.62 -9.87 6.97
N GLU A 245 28.49 -8.74 7.66
CA GLU A 245 27.41 -8.56 8.63
C GLU A 245 26.05 -8.80 8.01
N LEU A 246 25.88 -8.47 6.73
CA LEU A 246 24.58 -8.69 6.08
C LEU A 246 24.29 -10.17 5.90
N LEU A 247 25.31 -10.99 5.65
CA LEU A 247 25.09 -12.43 5.51
C LEU A 247 24.42 -13.02 6.74
N LYS A 248 24.64 -12.41 7.90
CA LYS A 248 24.02 -12.82 9.15
C LYS A 248 22.52 -13.08 9.01
N LYS A 249 21.86 -12.35 8.11
CA LYS A 249 20.41 -12.37 7.98
C LYS A 249 19.89 -13.42 7.00
N ILE A 250 20.76 -14.12 6.30
CA ILE A 250 20.37 -14.97 5.18
C ILE A 250 20.51 -16.42 5.62
N SER A 251 19.40 -17.16 5.67
CA SER A 251 19.47 -18.53 6.19
C SER A 251 20.19 -19.45 5.20
N SER A 252 19.85 -19.36 3.92
CA SER A 252 20.31 -20.36 2.95
C SER A 252 21.80 -20.23 2.70
N GLU A 253 22.54 -21.34 2.90
CA GLU A 253 23.98 -21.33 2.67
C GLU A 253 24.30 -21.13 1.20
N SER A 254 23.53 -21.74 0.29
CA SER A 254 23.84 -21.55 -1.12
C SER A 254 23.65 -20.09 -1.53
N ALA A 255 22.67 -19.41 -0.94
CA ALA A 255 22.47 -17.99 -1.23
C ALA A 255 23.65 -17.16 -0.71
N ARG A 256 24.07 -17.41 0.54
CA ARG A 256 25.21 -16.69 1.08
C ARG A 256 26.46 -16.95 0.28
N ASN A 257 26.71 -18.23 -0.06
CA ASN A 257 27.88 -18.56 -0.88
C ASN A 257 27.84 -17.82 -2.20
N TYR A 258 26.66 -17.76 -2.83
CA TYR A 258 26.54 -17.07 -4.10
C TYR A 258 26.86 -15.58 -3.96
N ILE A 259 26.22 -14.91 -3.00
CA ILE A 259 26.43 -13.48 -2.81
C ILE A 259 27.89 -13.20 -2.49
N GLN A 260 28.46 -13.99 -1.58
CA GLN A 260 29.86 -13.83 -1.19
C GLN A 260 30.78 -13.99 -2.39
N SER A 261 30.40 -14.82 -3.36
CA SER A 261 31.26 -15.12 -4.50
C SER A 261 31.17 -14.07 -5.59
N LEU A 262 30.15 -13.21 -5.60
CA LEU A 262 30.04 -12.23 -6.66
C LEU A 262 31.22 -11.27 -6.65
N ALA A 263 31.60 -10.81 -7.84
CA ALA A 263 32.66 -9.82 -7.96
C ALA A 263 32.27 -8.55 -7.20
N GLN A 264 33.22 -8.00 -6.47
CA GLN A 264 32.92 -6.90 -5.57
C GLN A 264 32.64 -5.62 -6.37
N MET A 265 31.60 -4.90 -5.96
CA MET A 265 31.27 -3.67 -6.64
C MET A 265 31.22 -2.51 -5.66
N PRO A 266 31.68 -1.33 -6.07
CA PRO A 266 31.55 -0.16 -5.22
C PRO A 266 30.13 0.38 -5.26
N LYS A 267 29.78 1.08 -4.20
CA LYS A 267 28.56 1.86 -4.23
C LYS A 267 28.69 2.99 -5.23
N MET A 268 27.64 3.22 -6.01
CA MET A 268 27.62 4.34 -6.93
C MET A 268 27.31 5.63 -6.18
N ASN A 269 27.84 6.72 -6.69
CA ASN A 269 27.49 8.06 -6.20
C ASN A 269 26.15 8.41 -6.84
N PHE A 270 25.09 8.53 -6.01
CA PHE A 270 23.74 8.72 -6.55
C PHE A 270 23.65 10.01 -7.35
N ALA A 271 24.51 10.98 -7.05
CA ALA A 271 24.51 12.23 -7.82
C ALA A 271 24.89 11.98 -9.28
N ASN A 272 25.64 10.92 -9.55
CA ASN A 272 25.98 10.51 -10.91
C ASN A 272 24.93 9.64 -11.55
N VAL A 273 23.92 9.23 -10.79
CA VAL A 273 22.87 8.36 -11.29
C VAL A 273 21.61 9.16 -11.62
N PHE A 274 21.23 10.04 -10.71
CA PHE A 274 20.02 10.85 -10.89
C PHE A 274 20.43 12.24 -11.36
N ILE A 275 20.84 12.26 -12.62
CA ILE A 275 21.42 13.45 -13.25
C ILE A 275 20.36 14.54 -13.34
N GLY A 276 20.69 15.72 -12.81
CA GLY A 276 19.78 16.85 -12.86
C GLY A 276 18.71 16.87 -11.79
N ALA A 277 18.74 15.93 -10.85
CA ALA A 277 17.74 15.94 -9.80
C ALA A 277 18.08 16.97 -8.72
N ASN A 278 17.05 17.43 -8.04
CA ASN A 278 17.20 18.23 -6.84
C ASN A 278 18.22 17.56 -5.92
N PRO A 279 19.29 18.24 -5.51
CA PRO A 279 20.27 17.57 -4.62
C PRO A 279 19.66 17.03 -3.35
N LEU A 280 18.59 17.65 -2.85
CA LEU A 280 17.90 17.15 -1.68
C LEU A 280 17.20 15.83 -1.98
N ALA A 281 16.70 15.66 -3.20
CA ALA A 281 16.09 14.39 -3.59
C ALA A 281 17.12 13.28 -3.60
N VAL A 282 18.31 13.58 -4.12
CA VAL A 282 19.38 12.60 -4.17
C VAL A 282 19.79 12.20 -2.76
N ASP A 283 19.90 13.19 -1.86
CA ASP A 283 20.28 12.88 -0.49
C ASP A 283 19.27 11.98 0.17
N LEU A 284 17.98 12.26 -0.01
CA LEU A 284 16.94 11.40 0.56
C LEU A 284 17.04 9.99 0.01
N LEU A 285 17.25 9.86 -1.30
CA LEU A 285 17.36 8.52 -1.91
C LEU A 285 18.52 7.75 -1.31
N GLU A 286 19.64 8.43 -1.03
CA GLU A 286 20.78 7.77 -0.39
C GLU A 286 20.42 7.24 0.98
N LYS A 287 19.49 7.89 1.67
CA LYS A 287 19.08 7.47 3.01
C LYS A 287 18.03 6.36 2.99
N MET A 288 17.29 6.21 1.89
CA MET A 288 16.29 5.15 1.79
C MET A 288 16.83 3.89 1.13
N LEU A 289 17.69 4.02 0.13
CA LEU A 289 18.12 2.87 -0.66
C LEU A 289 19.42 2.30 -0.08
N VAL A 290 19.31 1.80 1.14
CA VAL A 290 20.41 1.21 1.89
C VAL A 290 20.04 -0.24 2.14
N LEU A 291 20.99 -1.15 1.87
CA LEU A 291 20.73 -2.58 2.06
C LEU A 291 20.50 -2.90 3.52
N ASP A 292 21.25 -2.27 4.41
CA ASP A 292 21.11 -2.53 5.85
C ASP A 292 19.83 -1.88 6.37
N SER A 293 18.79 -2.70 6.59
CA SER A 293 17.51 -2.15 7.00
C SER A 293 17.56 -1.48 8.38
N ASP A 294 18.57 -1.78 9.19
CA ASP A 294 18.73 -1.05 10.44
C ASP A 294 19.42 0.29 10.26
N LYS A 295 20.01 0.55 9.09
CA LYS A 295 20.57 1.84 8.73
C LYS A 295 19.61 2.70 7.91
N ARG A 296 18.45 2.16 7.55
CA ARG A 296 17.51 2.85 6.69
C ARG A 296 16.73 3.91 7.47
N ILE A 297 16.48 5.05 6.83
CA ILE A 297 15.69 6.11 7.45
C ILE A 297 14.26 5.61 7.66
N THR A 298 13.64 6.03 8.77
CA THR A 298 12.24 5.70 9.03
C THR A 298 11.32 6.69 8.34
N ALA A 299 10.03 6.37 8.30
CA ALA A 299 9.08 7.28 7.68
C ALA A 299 9.04 8.62 8.42
N ALA A 300 8.99 8.58 9.76
CA ALA A 300 8.90 9.83 10.51
C ALA A 300 10.17 10.66 10.34
N GLN A 301 11.33 10.02 10.29
CA GLN A 301 12.56 10.76 10.02
C GLN A 301 12.55 11.36 8.62
N ALA A 302 12.06 10.61 7.64
CA ALA A 302 12.01 11.13 6.27
C ALA A 302 11.10 12.34 6.13
N LEU A 303 10.03 12.42 6.93
CA LEU A 303 9.13 13.55 6.85
C LEU A 303 9.80 14.85 7.29
N ALA A 304 10.83 14.76 8.13
CA ALA A 304 11.59 15.92 8.59
C ALA A 304 12.70 16.32 7.63
N HIS A 305 12.94 15.54 6.58
CA HIS A 305 14.01 15.83 5.63
C HIS A 305 13.69 17.10 4.86
N ALA A 306 14.73 17.88 4.55
CA ALA A 306 14.52 19.18 3.92
C ALA A 306 13.89 19.09 2.53
N TYR A 307 13.97 17.93 1.88
CA TYR A 307 13.29 17.75 0.60
C TYR A 307 11.81 18.11 0.68
N PHE A 308 11.16 17.88 1.84
CA PHE A 308 9.73 18.11 2.00
C PHE A 308 9.40 19.38 2.74
N ALA A 309 10.36 20.29 2.84
CA ALA A 309 10.22 21.47 3.70
C ALA A 309 8.94 22.25 3.42
N GLN A 310 8.57 22.41 2.14
CA GLN A 310 7.36 23.19 1.84
C GLN A 310 6.07 22.48 2.22
N TYR A 311 6.11 21.18 2.47
CA TYR A 311 4.91 20.42 2.83
C TYR A 311 4.85 20.02 4.30
N HIS A 312 6.00 19.86 4.95
CA HIS A 312 6.05 19.30 6.29
C HIS A 312 5.27 20.18 7.28
N ASP A 313 4.51 19.51 8.14
CA ASP A 313 3.64 20.16 9.12
C ASP A 313 3.44 19.18 10.26
N PRO A 314 4.21 19.31 11.34
CA PRO A 314 4.17 18.32 12.42
C PRO A 314 2.79 18.15 13.03
N ASP A 315 1.96 19.20 13.01
CA ASP A 315 0.60 19.12 13.55
C ASP A 315 -0.34 18.30 12.69
N ASP A 316 0.09 17.93 11.48
CA ASP A 316 -0.77 17.23 10.53
C ASP A 316 -0.10 15.95 10.06
N GLU A 317 0.71 15.33 10.93
CA GLU A 317 1.37 14.06 10.64
C GLU A 317 1.11 13.12 11.80
N PRO A 318 -0.13 12.70 11.98
CA PRO A 318 -0.50 11.99 13.21
C PRO A 318 -0.07 10.54 13.20
N VAL A 319 -0.08 9.97 14.40
CA VAL A 319 0.12 8.54 14.60
C VAL A 319 -1.24 7.90 14.86
N ALA A 320 -1.26 6.57 14.87
CA ALA A 320 -2.49 5.80 15.02
C ALA A 320 -2.76 5.43 16.47
N ASP A 321 -4.04 5.20 16.76
CA ASP A 321 -4.42 4.58 18.02
C ASP A 321 -3.84 3.18 18.08
N PRO A 322 -3.59 2.66 19.29
CA PRO A 322 -3.07 1.29 19.39
C PRO A 322 -4.00 0.30 18.70
N TYR A 323 -3.40 -0.68 18.05
CA TYR A 323 -4.12 -1.67 17.26
C TYR A 323 -3.84 -3.05 17.82
N ASP A 324 -4.91 -3.74 18.23
CA ASP A 324 -4.82 -5.05 18.88
C ASP A 324 -4.78 -6.13 17.80
N GLN A 325 -3.61 -6.71 17.57
CA GLN A 325 -3.41 -7.75 16.57
C GLN A 325 -3.30 -9.15 17.18
N SER A 326 -3.75 -9.34 18.41
CA SER A 326 -3.55 -10.64 19.05
C SER A 326 -4.23 -11.76 18.28
N PHE A 327 -5.31 -11.46 17.54
CA PHE A 327 -5.99 -12.47 16.75
C PHE A 327 -5.10 -13.13 15.72
N GLU A 328 -4.00 -12.47 15.31
CA GLU A 328 -3.16 -13.01 14.26
C GLU A 328 -2.52 -14.33 14.68
N SER A 329 -2.26 -14.52 15.96
CA SER A 329 -1.61 -15.73 16.42
C SER A 329 -2.58 -16.88 16.66
N ARG A 330 -3.88 -16.65 16.50
CA ARG A 330 -4.90 -17.64 16.86
C ARG A 330 -5.41 -18.40 15.65
N ASP A 331 -5.61 -19.71 15.82
CA ASP A 331 -6.33 -20.54 14.87
C ASP A 331 -7.75 -20.75 15.38
N LEU A 332 -8.73 -20.27 14.62
CA LEU A 332 -10.13 -20.46 14.94
C LEU A 332 -10.81 -21.20 13.80
N LEU A 333 -12.00 -21.73 14.07
CA LEU A 333 -12.77 -22.40 13.02
C LEU A 333 -13.36 -21.36 12.06
N ILE A 334 -13.73 -21.83 10.86
CA ILE A 334 -14.27 -20.92 9.86
C ILE A 334 -15.47 -20.17 10.41
N ASP A 335 -16.37 -20.89 11.09
CA ASP A 335 -17.59 -20.25 11.60
C ASP A 335 -17.28 -19.24 12.70
N GLU A 336 -16.16 -19.40 13.41
CA GLU A 336 -15.77 -18.43 14.41
C GLU A 336 -15.26 -17.14 13.75
N TRP A 337 -14.39 -17.28 12.75
CA TRP A 337 -14.00 -16.08 11.99
C TRP A 337 -15.20 -15.43 11.35
N LYS A 338 -16.16 -16.23 10.85
CA LYS A 338 -17.33 -15.66 10.18
C LYS A 338 -18.18 -14.86 11.16
N SER A 339 -18.39 -15.40 12.36
CA SER A 339 -19.18 -14.72 13.37
C SER A 339 -18.47 -13.46 13.87
N LEU A 340 -17.15 -13.54 14.06
CA LEU A 340 -16.39 -12.34 14.43
C LEU A 340 -16.50 -11.27 13.35
N THR A 341 -16.41 -11.68 12.09
CA THR A 341 -16.56 -10.72 10.99
C THR A 341 -17.95 -10.09 10.98
N TYR A 342 -18.97 -10.91 11.17
CA TYR A 342 -20.33 -10.39 11.24
C TYR A 342 -20.47 -9.36 12.36
N ASP A 343 -19.90 -9.65 13.53
CA ASP A 343 -19.86 -8.70 14.65
C ASP A 343 -19.26 -7.36 14.22
N GLU A 344 -18.15 -7.42 13.49
CA GLU A 344 -17.47 -6.19 13.05
C GLU A 344 -18.30 -5.44 12.01
N VAL A 345 -19.02 -6.17 11.15
CA VAL A 345 -19.92 -5.51 10.20
C VAL A 345 -21.02 -4.76 10.93
N ILE A 346 -21.66 -5.44 11.89
CA ILE A 346 -22.82 -4.88 12.58
C ILE A 346 -22.43 -3.72 13.48
N SER A 347 -21.23 -3.75 14.05
CA SER A 347 -20.81 -2.71 14.98
C SER A 347 -20.20 -1.50 14.30
N PHE A 348 -20.01 -1.55 12.99
CA PHE A 348 -19.35 -0.44 12.29
C PHE A 348 -20.14 0.84 12.46
N VAL A 349 -19.42 1.92 12.78
CA VAL A 349 -20.03 3.24 12.91
C VAL A 349 -19.45 4.14 11.83
N PRO A 350 -20.25 4.58 10.86
CA PRO A 350 -19.74 5.44 9.79
C PRO A 350 -19.16 6.72 10.36
N PRO A 351 -18.04 7.19 9.83
CA PRO A 351 -17.48 8.46 10.26
C PRO A 351 -18.34 9.62 9.79
N PRO A 352 -18.19 10.79 10.40
CA PRO A 352 -18.84 11.99 9.86
C PRO A 352 -18.34 12.28 8.46
N LEU A 353 -19.20 12.90 7.65
CA LEU A 353 -18.81 13.27 6.29
C LEU A 353 -17.63 14.22 6.30
N ASP A 354 -17.62 15.17 7.23
CA ASP A 354 -16.57 16.17 7.36
C ASP A 354 -15.86 15.93 8.70
N GLN A 355 -14.62 15.43 8.64
CA GLN A 355 -13.84 15.18 9.84
C GLN A 355 -12.64 16.11 10.00
N GLU A 356 -12.55 17.17 9.19
CA GLU A 356 -11.35 18.00 9.18
C GLU A 356 -11.72 19.44 9.48
N GLU A 357 -10.78 20.17 10.06
CA GLU A 357 -10.96 21.58 10.36
C GLU A 357 -9.74 22.37 9.92
N MET A 358 -9.96 23.64 9.61
CA MET A 358 -8.88 24.52 9.17
C MET A 358 -7.82 24.64 10.27
N GLU A 359 -6.56 24.62 9.84
CA GLU A 359 -5.43 24.54 10.77
C GLU A 359 -5.23 25.81 11.58
CA1 SB4 B . -6.65 0.10 -6.41
CA2 SB4 B . -6.04 0.60 -7.71
NA3 SB4 B . -6.24 -0.40 -8.77
CA4 SB4 B . -7.67 -0.64 -9.00
CA5 SB4 B . -8.34 -1.15 -7.75
CA6 SB4 B . -8.12 -0.19 -6.60
CB1 SB4 B . -12.06 -0.26 -2.46
CB2 SB4 B . -12.94 -0.12 -1.38
CB3 SB4 B . -12.48 -0.47 -0.15
CB4 SB4 B . -11.20 -0.90 0.09
CB5 SB4 B . -10.34 -1.04 -0.98
CB6 SB4 B . -10.75 -0.72 -2.28
FB7 SB4 B . -13.32 -0.32 0.93
CC1 SB4 B . -10.26 2.25 -3.70
CC2 SB4 B . -10.10 1.34 -4.73
NC3 SB4 B . -10.36 1.70 -6.00
CC4 SB4 B . -10.77 2.97 -6.23
NC5 SB4 B . -10.95 3.90 -5.27
CC6 SB4 B . -10.68 3.53 -4.01
NC7 SB4 B . -11.01 3.33 -7.50
ND1 SB4 B . -8.73 -0.68 -5.34
CD2 SB4 B . -8.48 -1.89 -4.78
ND3 SB4 B . -9.14 -2.04 -3.65
CD4 SB4 B . -9.87 -0.86 -3.45
CD5 SB4 B . -9.62 -0.02 -4.51
CA CA C . -14.22 20.79 7.54
CA CA D . -0.68 22.22 6.92
CA CA E . -0.24 24.50 13.28
CA CA F . -10.64 17.48 0.76
CA CA G . 24.18 13.39 0.56
CA CA H . 29.09 6.32 -9.66
CL CL I . 17.60 -17.71 2.64
CL CL J . 3.12 -1.59 -9.30
S DMS K . 0.49 -0.89 18.82
O DMS K . -0.69 -0.58 17.96
C1 DMS K . 0.95 0.60 19.73
C2 DMS K . -0.04 -1.96 20.19
C1 EDO L . 30.01 -10.48 2.17
O1 EDO L . 29.33 -10.38 0.90
C2 EDO L . 31.46 -10.04 2.00
O2 EDO L . 32.28 -11.21 1.95
N1 OG5 M . 20.20 2.93 -15.74
N2 OG5 M . 18.77 1.31 -13.67
C3 OG5 M . 17.15 4.17 -13.40
O3 OG5 M . 17.10 11.80 -12.18
N4 OG5 M . 16.71 12.53 -14.34
C5 OG5 M . 18.74 5.75 -12.62
C6 OG5 M . 19.13 6.00 -13.92
C7 OG5 M . 18.91 4.28 -17.28
C8 OG5 M . 19.29 2.93 -16.70
C9 OG5 M . 20.75 1.71 -15.17
C10 OG5 M . 20.25 1.28 -13.79
C11 OG5 M . 20.76 -0.17 -13.54
C12 OG5 M . 22.29 -0.20 -13.61
C13 OG5 M . 22.87 0.71 -12.53
C14 OG5 M . 22.43 0.22 -11.15
C15 OG5 M . 20.90 0.26 -11.08
C16 OG5 M . 20.31 -0.66 -12.16
C17 OG5 M . 20.40 1.68 -11.30
C18 OG5 M . 20.84 2.18 -12.68
C19 OG5 M . 22.38 2.14 -12.75
C20 OG5 M . 18.28 9.31 -16.42
C21 OG5 M . 18.95 9.93 -15.37
C22 OG5 M . 17.20 11.36 -15.04
C23 OG5 M . 16.69 12.65 -12.96
C24 OG5 M . 16.07 13.98 -12.62
C25 OG5 M . 15.76 14.63 -13.95
C26 OG5 M . 16.19 13.65 -15.00
C27 OG5 M . 16.45 10.78 -16.04
C28 OG5 M . 17.00 9.73 -16.74
N OG5 M . 18.32 6.67 -17.07
C OG5 M . 19.02 5.55 -16.40
O OG5 M . 18.85 8.35 -18.75
C1 OG5 M . 18.53 5.33 -14.98
C2 OG5 M . 17.52 4.42 -14.71
C4 OG5 M . 17.75 4.83 -12.36
N3 OG5 M . 18.43 10.95 -14.69
O1 OG5 M . 20.41 7.92 -16.90
O2 OG5 M . 18.76 1.89 -17.11
O4 OG5 M . 16.14 13.77 -16.22
S OG5 M . 19.07 8.05 -17.37
#